data_8DOS
#
_entry.id   8DOS
#
_cell.length_a   47.240
_cell.length_b   56.020
_cell.length_c   56.110
_cell.angle_alpha   106.690
_cell.angle_beta   97.490
_cell.angle_gamma   83.400
#
_symmetry.space_group_name_H-M   'P 1'
#
loop_
_entity.id
_entity.type
_entity.pdbx_description
1 polymer 'Flavodoxin/ferredoxin--NADP reductase'
2 non-polymer 'FLAVIN-ADENINE DINUCLEOTIDE'
3 non-polymer 'NADP NICOTINAMIDE-ADENINE-DINUCLEOTIDE PHOSPHATE'
4 non-polymer 'PENTAETHYLENE GLYCOL'
5 non-polymer 'CALCIUM ION'
6 non-polymer 'MAGNESIUM ION'
7 water water
#
_entity_poly.entity_id   1
_entity_poly.type   'polypeptide(L)'
_entity_poly.pdbx_seq_one_letter_code
;MAHHHHHHMADWVSGKVTKVEYWTDALFSLYVRAPVHPFTAGQFTKLGLEIDGERVQRAYSYVNAPGNPDLEFYLVTVPE
GKLSPRLASLKPGDEVLVVSEAAGFFVLEEVPDCDTLWMLATGTALGPYLSILQEGKDLERFNNLVLVHAVRYAADLSYL
PLMRELEQRYAGKLRIQTVVSRETVEGSLTGRVPFLIETGALEEAVGLPMTTDTSHVMLCGNPQMVRDTQQLLKETRQMT
KHLRRRPGHMTAEHYW
;
_entity_poly.pdbx_strand_id   A,B
#
# COMPACT_ATOMS: atom_id res chain seq x y z
N ALA A 10 -19.54 -9.76 -16.54
CA ALA A 10 -18.47 -9.44 -17.48
C ALA A 10 -18.50 -10.34 -18.71
N ASP A 11 -18.46 -9.75 -19.90
CA ASP A 11 -18.38 -10.49 -21.15
C ASP A 11 -16.91 -10.62 -21.53
N TRP A 12 -16.35 -11.82 -21.40
CA TRP A 12 -14.96 -12.02 -21.77
C TRP A 12 -14.86 -12.30 -23.27
N VAL A 13 -13.86 -11.70 -23.91
CA VAL A 13 -13.56 -11.99 -25.31
C VAL A 13 -12.10 -12.37 -25.44
N SER A 14 -11.78 -13.07 -26.52
CA SER A 14 -10.42 -13.51 -26.78
C SER A 14 -9.64 -12.38 -27.45
N GLY A 15 -8.54 -11.97 -26.83
CA GLY A 15 -7.65 -11.01 -27.42
C GLY A 15 -6.39 -11.67 -28.00
N LYS A 16 -5.79 -10.99 -28.98
CA LYS A 16 -4.56 -11.48 -29.57
C LYS A 16 -3.43 -10.52 -29.22
N VAL A 17 -2.39 -11.07 -28.63
CA VAL A 17 -1.22 -10.27 -28.32
C VAL A 17 -0.58 -9.90 -29.65
N THR A 18 -0.36 -8.61 -29.86
CA THR A 18 0.41 -8.22 -31.03
C THR A 18 1.88 -8.02 -30.71
N LYS A 19 2.20 -7.58 -29.48
CA LYS A 19 3.57 -7.25 -29.13
C LYS A 19 3.67 -7.04 -27.62
N VAL A 20 4.79 -7.49 -27.03
CA VAL A 20 5.22 -7.03 -25.71
C VAL A 20 6.54 -6.31 -25.92
N GLU A 21 6.62 -5.06 -25.46
CA GLU A 21 7.83 -4.26 -25.60
C GLU A 21 8.34 -3.86 -24.22
N TYR A 22 9.58 -4.24 -23.91
CA TYR A 22 10.16 -3.90 -22.61
C TYR A 22 10.81 -2.52 -22.69
N TRP A 23 10.55 -1.69 -21.69
CA TRP A 23 11.25 -0.41 -21.51
C TRP A 23 12.43 -0.51 -20.57
N THR A 24 12.31 -1.32 -19.51
CA THR A 24 13.40 -1.65 -18.60
C THR A 24 13.32 -3.15 -18.37
N ASP A 25 14.08 -3.65 -17.38
CA ASP A 25 13.97 -5.06 -17.05
C ASP A 25 12.62 -5.41 -16.47
N ALA A 26 11.90 -4.44 -15.89
CA ALA A 26 10.66 -4.71 -15.20
C ALA A 26 9.45 -4.00 -15.79
N LEU A 27 9.65 -2.95 -16.58
CA LEU A 27 8.57 -2.15 -17.15
C LEU A 27 8.37 -2.51 -18.62
N PHE A 28 7.11 -2.72 -19.02
CA PHE A 28 6.82 -3.11 -20.39
C PHE A 28 5.43 -2.62 -20.78
N SER A 29 5.18 -2.57 -22.09
CA SER A 29 3.84 -2.34 -22.59
C SER A 29 3.35 -3.58 -23.33
N LEU A 30 2.10 -3.91 -23.10
CA LEU A 30 1.43 -5.04 -23.71
C LEU A 30 0.46 -4.49 -24.74
N TYR A 31 0.56 -4.96 -25.98
CA TYR A 31 -0.31 -4.48 -27.05
C TYR A 31 -1.21 -5.62 -27.51
N VAL A 32 -2.50 -5.32 -27.68
CA VAL A 32 -3.52 -6.35 -27.88
C VAL A 32 -4.50 -5.87 -28.95
N ARG A 33 -5.02 -6.82 -29.71
CA ARG A 33 -6.20 -6.62 -30.55
C ARG A 33 -7.35 -7.46 -29.98
N ALA A 34 -8.48 -6.83 -29.71
CA ALA A 34 -9.58 -7.59 -29.13
C ALA A 34 -10.89 -6.89 -29.44
N PRO A 35 -11.98 -7.64 -29.61
CA PRO A 35 -13.27 -7.00 -29.96
C PRO A 35 -13.95 -6.42 -28.72
N VAL A 36 -13.36 -5.35 -28.17
CA VAL A 36 -13.92 -4.69 -27.00
C VAL A 36 -14.91 -3.64 -27.49
N HIS A 37 -15.76 -3.17 -26.57
CA HIS A 37 -16.70 -2.08 -26.82
C HIS A 37 -15.97 -0.74 -26.77
N PRO A 38 -16.55 0.32 -27.35
CA PRO A 38 -15.94 1.64 -27.18
C PRO A 38 -15.85 1.93 -25.68
N PHE A 39 -14.76 2.59 -25.27
CA PHE A 39 -14.62 2.99 -23.87
C PHE A 39 -14.38 4.50 -23.79
N THR A 40 -14.44 5.01 -22.56
CA THR A 40 -14.19 6.41 -22.28
C THR A 40 -12.75 6.54 -21.82
N ALA A 41 -12.02 7.54 -22.34
CA ALA A 41 -10.62 7.68 -21.96
C ALA A 41 -10.52 7.85 -20.44
N GLY A 42 -9.59 7.10 -19.84
CA GLY A 42 -9.45 7.02 -18.40
C GLY A 42 -9.99 5.73 -17.79
N GLN A 43 -10.77 4.98 -18.55
CA GLN A 43 -11.33 3.74 -18.00
C GLN A 43 -10.32 2.60 -18.11
N PHE A 44 -10.67 1.48 -17.51
CA PHE A 44 -9.83 0.30 -17.47
C PHE A 44 -10.64 -0.90 -17.91
N THR A 45 -9.93 -1.96 -18.28
CA THR A 45 -10.59 -3.24 -18.50
C THR A 45 -9.92 -4.25 -17.58
N LYS A 46 -10.28 -5.52 -17.74
CA LYS A 46 -9.57 -6.59 -17.04
C LYS A 46 -8.97 -7.52 -18.09
N LEU A 47 -7.75 -7.95 -17.81
CA LEU A 47 -7.06 -8.95 -18.59
C LEU A 47 -7.07 -10.24 -17.78
N GLY A 48 -7.11 -11.37 -18.48
CA GLY A 48 -7.17 -12.66 -17.82
C GLY A 48 -6.36 -13.71 -18.54
N LEU A 49 -5.76 -14.62 -17.75
CA LEU A 49 -5.09 -15.81 -18.27
C LEU A 49 -5.57 -17.00 -17.45
N GLU A 50 -5.74 -18.14 -18.11
CA GLU A 50 -6.25 -19.31 -17.39
C GLU A 50 -5.05 -20.11 -16.91
N ILE A 51 -4.58 -19.76 -15.71
CA ILE A 51 -3.36 -20.33 -15.18
C ILE A 51 -3.54 -20.55 -13.69
N ASP A 52 -2.70 -21.42 -13.12
CA ASP A 52 -2.71 -21.67 -11.68
C ASP A 52 -4.07 -22.17 -11.20
N GLY A 53 -4.79 -22.91 -12.05
CA GLY A 53 -6.07 -23.46 -11.65
C GLY A 53 -7.18 -22.43 -11.46
N GLU A 54 -7.00 -21.24 -12.03
CA GLU A 54 -8.04 -20.21 -11.99
C GLU A 54 -7.97 -19.44 -13.30
N ARG A 55 -8.96 -18.58 -13.52
CA ARG A 55 -8.85 -17.53 -14.53
C ARG A 55 -8.36 -16.32 -13.78
N VAL A 56 -7.04 -16.18 -13.69
CA VAL A 56 -6.46 -15.07 -12.95
C VAL A 56 -6.69 -13.79 -13.73
N GLN A 57 -7.30 -12.79 -13.08
CA GLN A 57 -7.68 -11.57 -13.80
C GLN A 57 -7.37 -10.35 -12.93
N ARG A 58 -6.96 -9.27 -13.59
CA ARG A 58 -6.61 -8.01 -12.91
C ARG A 58 -7.05 -6.86 -13.79
N ALA A 59 -7.33 -5.72 -13.17
CA ALA A 59 -7.68 -4.53 -13.94
C ALA A 59 -6.43 -3.89 -14.53
N TYR A 60 -6.55 -3.36 -15.75
CA TYR A 60 -5.46 -2.61 -16.36
C TYR A 60 -6.05 -1.43 -17.12
N SER A 61 -5.48 -0.24 -16.91
CA SER A 61 -5.94 0.97 -17.57
C SER A 61 -5.55 1.01 -19.04
N TYR A 62 -6.46 1.45 -19.92
CA TYR A 62 -6.09 1.66 -21.32
C TYR A 62 -5.16 2.86 -21.42
N VAL A 63 -3.99 2.66 -22.04
CA VAL A 63 -3.10 3.78 -22.40
C VAL A 63 -3.58 4.45 -23.67
N ASN A 64 -4.05 3.67 -24.64
CA ASN A 64 -4.45 4.20 -25.93
C ASN A 64 -5.69 5.07 -25.83
N ALA A 65 -5.78 6.06 -26.72
CA ALA A 65 -7.02 6.78 -26.89
C ALA A 65 -8.10 5.82 -27.35
N PRO A 66 -9.35 6.04 -26.94
N PRO A 66 -9.38 6.12 -27.09
CA PRO A 66 -10.45 5.27 -27.51
CA PRO A 66 -10.44 5.13 -27.37
C PRO A 66 -10.49 5.51 -29.02
C PRO A 66 -10.48 4.58 -28.80
N GLY A 67 -10.75 4.44 -29.77
N GLY A 67 -10.26 5.43 -29.82
CA GLY A 67 -10.66 4.46 -31.20
CA GLY A 67 -10.42 5.02 -31.21
C GLY A 67 -9.34 3.94 -31.75
C GLY A 67 -9.27 4.21 -31.77
N ASN A 68 -8.28 3.94 -30.94
CA ASN A 68 -7.05 3.29 -31.37
C ASN A 68 -7.25 1.78 -31.23
N PRO A 69 -7.23 1.01 -32.33
CA PRO A 69 -7.47 -0.45 -32.21
C PRO A 69 -6.33 -1.21 -31.53
N ASP A 70 -5.15 -0.62 -31.43
CA ASP A 70 -4.05 -1.25 -30.70
C ASP A 70 -4.22 -0.91 -29.24
N LEU A 71 -4.92 -1.80 -28.52
CA LEU A 71 -5.10 -1.66 -27.08
C LEU A 71 -3.75 -1.80 -26.43
N GLU A 72 -3.45 -0.91 -25.49
CA GLU A 72 -2.09 -0.75 -25.00
C GLU A 72 -2.14 -0.67 -23.47
N PHE A 73 -1.33 -1.47 -22.81
CA PHE A 73 -1.32 -1.50 -21.35
C PHE A 73 0.13 -1.39 -20.89
N TYR A 74 0.37 -0.48 -19.96
CA TYR A 74 1.69 -0.20 -19.41
C TYR A 74 1.78 -0.92 -18.07
N LEU A 75 2.69 -1.89 -17.95
CA LEU A 75 2.71 -2.75 -16.76
C LEU A 75 4.09 -2.79 -16.13
N VAL A 76 4.11 -3.17 -14.86
CA VAL A 76 5.34 -3.48 -14.16
C VAL A 76 5.27 -4.94 -13.73
N THR A 77 6.38 -5.67 -13.90
CA THR A 77 6.45 -7.03 -13.42
C THR A 77 6.56 -6.99 -11.90
N VAL A 78 5.56 -7.53 -11.22
CA VAL A 78 5.58 -7.62 -9.77
C VAL A 78 6.30 -8.91 -9.41
N PRO A 79 7.43 -8.83 -8.71
CA PRO A 79 8.31 -10.00 -8.53
C PRO A 79 7.59 -11.30 -8.19
N GLU A 80 6.83 -11.34 -7.10
CA GLU A 80 6.06 -12.54 -6.76
C GLU A 80 4.59 -12.42 -7.13
N GLY A 81 4.28 -11.59 -8.13
CA GLY A 81 2.91 -11.44 -8.57
C GLY A 81 2.40 -12.66 -9.32
N LYS A 82 1.08 -12.78 -9.32
CA LYS A 82 0.43 -13.95 -9.92
C LYS A 82 0.22 -13.76 -11.42
N LEU A 83 -0.29 -12.59 -11.83
CA LEU A 83 -0.57 -12.38 -13.24
C LEU A 83 0.48 -11.56 -13.97
N SER A 84 1.02 -10.51 -13.34
CA SER A 84 1.91 -9.62 -14.09
C SER A 84 3.14 -10.32 -14.65
N PRO A 85 3.83 -11.23 -13.94
CA PRO A 85 4.94 -11.95 -14.60
C PRO A 85 4.49 -12.85 -15.75
N ARG A 86 3.23 -13.28 -15.77
CA ARG A 86 2.78 -14.13 -16.87
C ARG A 86 2.40 -13.28 -18.08
N LEU A 87 1.74 -12.15 -17.86
CA LEU A 87 1.54 -11.19 -18.93
C LEU A 87 2.87 -10.76 -19.53
N ALA A 88 3.90 -10.64 -18.69
CA ALA A 88 5.19 -10.14 -19.15
C ALA A 88 5.88 -11.11 -20.07
N SER A 89 5.48 -12.38 -20.05
CA SER A 89 6.09 -13.38 -20.94
C SER A 89 5.18 -13.76 -22.11
N LEU A 90 4.15 -12.97 -22.38
CA LEU A 90 3.35 -13.19 -23.59
C LEU A 90 4.14 -12.80 -24.83
N LYS A 91 3.82 -13.46 -25.94
CA LYS A 91 4.49 -13.22 -27.21
C LYS A 91 3.45 -12.95 -28.29
N PRO A 92 3.85 -12.31 -29.39
CA PRO A 92 2.91 -12.07 -30.49
C PRO A 92 2.17 -13.34 -30.88
N GLY A 93 0.86 -13.25 -30.98
CA GLY A 93 0.05 -14.40 -31.32
C GLY A 93 -0.52 -15.15 -30.14
N ASP A 94 -0.07 -14.87 -28.93
CA ASP A 94 -0.66 -15.49 -27.74
C ASP A 94 -2.07 -14.95 -27.49
N GLU A 95 -2.90 -15.75 -26.84
CA GLU A 95 -4.22 -15.31 -26.45
C GLU A 95 -4.19 -14.72 -25.05
N VAL A 96 -4.88 -13.60 -24.88
CA VAL A 96 -5.15 -13.04 -23.57
C VAL A 96 -6.65 -12.72 -23.53
N LEU A 97 -7.29 -13.04 -22.41
CA LEU A 97 -8.71 -12.75 -22.24
C LEU A 97 -8.91 -11.29 -21.86
N VAL A 98 -9.98 -10.66 -22.39
CA VAL A 98 -10.23 -9.24 -22.21
C VAL A 98 -11.73 -9.03 -21.94
N VAL A 99 -12.05 -8.25 -20.92
CA VAL A 99 -13.44 -7.88 -20.68
C VAL A 99 -13.84 -6.84 -21.72
N SER A 100 -14.97 -7.08 -22.40
CA SER A 100 -15.31 -6.23 -23.55
C SER A 100 -15.80 -4.85 -23.13
N GLU A 101 -16.41 -4.73 -21.96
CA GLU A 101 -16.97 -3.46 -21.50
C GLU A 101 -16.05 -2.84 -20.46
N ALA A 102 -15.55 -1.64 -20.74
CA ALA A 102 -14.65 -1.01 -19.79
C ALA A 102 -15.43 -0.52 -18.57
N ALA A 103 -14.69 -0.17 -17.52
CA ALA A 103 -15.30 0.28 -16.27
C ALA A 103 -14.45 1.42 -15.73
N GLY A 104 -14.99 2.11 -14.72
CA GLY A 104 -14.24 3.18 -14.10
C GLY A 104 -14.85 4.56 -14.26
N PHE A 105 -14.58 5.41 -13.28
CA PHE A 105 -15.05 6.79 -13.26
C PHE A 105 -13.90 7.77 -13.27
N PHE A 106 -12.68 7.31 -13.55
CA PHE A 106 -11.50 8.18 -13.63
C PHE A 106 -11.43 8.84 -15.02
N VAL A 107 -12.47 9.62 -15.33
CA VAL A 107 -12.71 10.13 -16.67
C VAL A 107 -13.08 11.61 -16.58
N LEU A 108 -12.96 12.30 -17.71
CA LEU A 108 -13.13 13.76 -17.71
C LEU A 108 -14.54 14.18 -17.33
N GLU A 109 -15.56 13.44 -17.79
CA GLU A 109 -16.94 13.87 -17.52
C GLU A 109 -17.30 13.87 -16.04
N GLU A 110 -16.49 13.22 -15.19
CA GLU A 110 -16.70 13.23 -13.75
C GLU A 110 -15.90 14.30 -13.03
N VAL A 111 -15.07 15.06 -13.74
CA VAL A 111 -14.17 16.04 -13.12
C VAL A 111 -14.88 17.39 -13.00
N PRO A 112 -14.98 17.98 -11.80
CA PRO A 112 -15.62 19.29 -11.68
C PRO A 112 -14.89 20.36 -12.48
N ASP A 113 -15.63 21.42 -12.83
CA ASP A 113 -14.98 22.55 -13.48
C ASP A 113 -13.85 23.10 -12.61
N CYS A 114 -12.75 23.52 -13.26
CA CYS A 114 -11.64 24.12 -12.52
C CYS A 114 -10.73 24.84 -13.50
N ASP A 115 -9.94 25.76 -12.97
CA ASP A 115 -8.96 26.46 -13.79
C ASP A 115 -7.85 25.51 -14.22
N THR A 116 -7.32 24.75 -13.26
CA THR A 116 -6.18 23.87 -13.51
C THR A 116 -6.57 22.45 -13.12
N LEU A 117 -6.44 21.53 -14.06
CA LEU A 117 -6.63 20.11 -13.81
C LEU A 117 -5.25 19.50 -13.64
N TRP A 118 -4.96 19.01 -12.43
CA TRP A 118 -3.70 18.34 -12.12
C TRP A 118 -3.91 16.85 -12.24
N MET A 119 -3.02 16.20 -12.99
CA MET A 119 -3.04 14.75 -13.11
C MET A 119 -1.71 14.17 -12.63
N LEU A 120 -1.74 13.57 -11.43
CA LEU A 120 -0.59 13.01 -10.75
C LEU A 120 -0.65 11.50 -10.86
N ALA A 121 0.44 10.90 -11.34
CA ALA A 121 0.51 9.44 -11.48
C ALA A 121 1.84 8.96 -10.94
N THR A 122 1.85 7.78 -10.32
CA THR A 122 3.09 7.08 -9.98
C THR A 122 3.25 5.90 -10.92
N GLY A 123 4.50 5.61 -11.28
CA GLY A 123 4.83 4.32 -11.88
C GLY A 123 4.01 4.05 -13.13
N THR A 124 3.35 2.89 -13.18
CA THR A 124 2.61 2.52 -14.38
C THR A 124 1.19 3.06 -14.37
N ALA A 125 0.86 3.95 -13.45
CA ALA A 125 -0.49 4.52 -13.39
C ALA A 125 -0.68 5.72 -14.31
N LEU A 126 0.24 5.95 -15.24
CA LEU A 126 0.16 7.09 -16.15
C LEU A 126 -0.88 6.86 -17.23
N GLY A 127 -1.28 5.61 -17.47
CA GLY A 127 -2.16 5.26 -18.57
C GLY A 127 -3.44 6.04 -18.73
N PRO A 128 -4.23 6.21 -17.66
CA PRO A 128 -5.49 6.97 -17.83
C PRO A 128 -5.26 8.37 -18.37
N TYR A 129 -4.23 9.04 -17.89
CA TYR A 129 -3.94 10.38 -18.37
C TYR A 129 -3.50 10.36 -19.82
N LEU A 130 -2.69 9.37 -20.20
CA LEU A 130 -2.28 9.28 -21.58
C LEU A 130 -3.47 9.04 -22.50
N SER A 131 -4.42 8.18 -22.10
CA SER A 131 -5.60 7.98 -22.94
C SER A 131 -6.38 9.29 -23.06
N ILE A 132 -6.60 9.98 -21.94
CA ILE A 132 -7.33 11.25 -21.97
C ILE A 132 -6.60 12.27 -22.84
N LEU A 133 -5.29 12.40 -22.67
CA LEU A 133 -4.58 13.49 -23.33
C LEU A 133 -4.29 13.19 -24.79
N GLN A 134 -4.16 11.90 -25.16
CA GLN A 134 -4.05 11.53 -26.57
C GLN A 134 -5.37 11.72 -27.30
N GLU A 135 -6.49 11.44 -26.62
CA GLU A 135 -7.79 11.66 -27.21
C GLU A 135 -8.00 13.16 -27.43
N GLY A 136 -7.60 13.97 -26.46
CA GLY A 136 -7.51 15.41 -26.65
C GLY A 136 -8.82 16.15 -26.69
N LYS A 137 -9.94 15.51 -26.35
CA LYS A 137 -11.24 16.13 -26.46
C LYS A 137 -11.81 16.49 -25.10
N ASP A 138 -12.75 17.45 -25.11
CA ASP A 138 -13.50 17.85 -23.89
C ASP A 138 -12.59 18.41 -22.81
N LEU A 139 -11.44 18.96 -23.20
CA LEU A 139 -10.54 19.66 -22.29
C LEU A 139 -10.66 21.18 -22.38
N GLU A 140 -11.57 21.69 -23.22
CA GLU A 140 -11.67 23.14 -23.42
C GLU A 140 -12.05 23.86 -22.14
N ARG A 141 -12.85 23.22 -21.28
CA ARG A 141 -13.32 23.93 -20.09
C ARG A 141 -12.23 24.13 -19.04
N PHE A 142 -11.11 23.45 -19.16
CA PHE A 142 -9.95 23.66 -18.27
C PHE A 142 -8.99 24.63 -18.94
N ASN A 143 -8.55 25.64 -18.19
CA ASN A 143 -7.57 26.56 -18.77
C ASN A 143 -6.20 25.90 -18.85
N ASN A 144 -5.82 25.21 -17.79
CA ASN A 144 -4.49 24.63 -17.69
C ASN A 144 -4.60 23.15 -17.36
N LEU A 145 -3.64 22.37 -17.88
CA LEU A 145 -3.50 20.95 -17.61
C LEU A 145 -2.07 20.68 -17.14
N VAL A 146 -1.92 19.87 -16.11
CA VAL A 146 -0.60 19.54 -15.57
C VAL A 146 -0.49 18.03 -15.48
N LEU A 147 0.57 17.46 -16.07
CA LEU A 147 0.78 16.03 -16.00
C LEU A 147 2.07 15.76 -15.23
N VAL A 148 1.97 15.01 -14.14
CA VAL A 148 3.10 14.71 -13.28
C VAL A 148 3.28 13.20 -13.23
N HIS A 149 4.45 12.73 -13.61
CA HIS A 149 4.80 11.31 -13.53
C HIS A 149 5.90 11.14 -12.50
N ALA A 150 5.63 10.35 -11.46
CA ALA A 150 6.56 10.15 -10.36
C ALA A 150 7.02 8.70 -10.37
N VAL A 151 8.34 8.49 -10.37
CA VAL A 151 8.94 7.16 -10.49
C VAL A 151 10.18 7.11 -9.59
N ARG A 152 10.74 5.91 -9.45
CA ARG A 152 11.94 5.78 -8.64
C ARG A 152 13.18 6.29 -9.35
N TYR A 153 13.33 5.96 -10.63
CA TYR A 153 14.55 6.26 -11.37
C TYR A 153 14.20 6.87 -12.72
N ALA A 154 15.11 7.71 -13.22
CA ALA A 154 14.86 8.37 -14.51
C ALA A 154 14.63 7.35 -15.63
N ALA A 155 15.33 6.21 -15.56
CA ALA A 155 15.15 5.17 -16.56
C ALA A 155 13.71 4.64 -16.59
N ASP A 156 12.91 4.91 -15.55
CA ASP A 156 11.53 4.43 -15.46
C ASP A 156 10.52 5.33 -16.15
N LEU A 157 10.96 6.44 -16.76
CA LEU A 157 10.05 7.38 -17.40
C LEU A 157 9.76 6.89 -18.82
N SER A 158 9.00 5.79 -18.90
CA SER A 158 8.92 5.03 -20.14
C SER A 158 8.22 5.79 -21.25
N TYR A 159 7.27 6.64 -20.90
CA TYR A 159 6.49 7.39 -21.88
C TYR A 159 6.93 8.84 -21.97
N LEU A 160 8.17 9.14 -21.59
CA LEU A 160 8.67 10.51 -21.75
C LEU A 160 8.55 11.03 -23.18
N PRO A 161 8.88 10.25 -24.23
CA PRO A 161 8.72 10.79 -25.59
C PRO A 161 7.29 11.14 -25.96
N LEU A 162 6.32 10.33 -25.55
CA LEU A 162 4.92 10.68 -25.77
C LEU A 162 4.56 11.93 -24.98
N MET A 163 5.07 12.06 -23.74
CA MET A 163 4.74 13.25 -22.98
C MET A 163 5.28 14.51 -23.63
N ARG A 164 6.46 14.41 -24.24
CA ARG A 164 7.06 15.56 -24.92
C ARG A 164 6.26 15.93 -26.18
N GLU A 165 5.86 14.93 -26.97
CA GLU A 165 5.02 15.22 -28.14
C GLU A 165 3.68 15.84 -27.72
N LEU A 166 3.06 15.30 -26.67
CA LEU A 166 1.82 15.90 -26.17
C LEU A 166 2.04 17.33 -25.71
N GLU A 167 3.12 17.58 -24.95
CA GLU A 167 3.46 18.94 -24.56
C GLU A 167 3.55 19.86 -25.76
N GLN A 168 4.21 19.40 -26.82
CA GLN A 168 4.29 20.21 -28.02
C GLN A 168 2.90 20.45 -28.62
N ARG A 169 2.07 19.41 -28.69
CA ARG A 169 0.82 19.55 -29.45
C ARG A 169 -0.21 20.42 -28.72
N TYR A 170 -0.16 20.46 -27.39
CA TYR A 170 -1.06 21.31 -26.64
C TYR A 170 -0.60 22.75 -26.59
N ALA A 171 0.55 23.05 -27.19
CA ALA A 171 1.00 24.43 -27.45
C ALA A 171 1.01 25.27 -26.17
N GLY A 172 1.36 24.66 -25.04
CA GLY A 172 1.49 25.36 -23.78
C GLY A 172 0.38 25.10 -22.79
N LYS A 173 -0.79 24.66 -23.25
CA LYS A 173 -1.88 24.37 -22.33
C LYS A 173 -1.51 23.24 -21.37
N LEU A 174 -0.70 22.29 -21.83
CA LEU A 174 -0.27 21.18 -20.98
C LEU A 174 1.12 21.44 -20.45
N ARG A 175 1.28 21.38 -19.13
CA ARG A 175 2.58 21.43 -18.48
C ARG A 175 2.91 20.03 -17.97
N ILE A 176 4.12 19.57 -18.26
CA ILE A 176 4.54 18.25 -17.83
C ILE A 176 5.68 18.42 -16.83
N GLN A 177 5.65 17.62 -15.77
CA GLN A 177 6.76 17.56 -14.85
C GLN A 177 7.02 16.11 -14.50
N THR A 178 8.28 15.70 -14.52
CA THR A 178 8.63 14.36 -14.08
C THR A 178 9.28 14.46 -12.70
N VAL A 179 9.02 13.46 -11.88
CA VAL A 179 9.51 13.37 -10.52
C VAL A 179 10.25 12.05 -10.37
N VAL A 180 11.48 12.10 -9.87
N VAL A 180 11.46 12.09 -9.83
CA VAL A 180 12.27 10.90 -9.61
CA VAL A 180 12.29 10.90 -9.64
C VAL A 180 12.63 10.89 -8.14
C VAL A 180 12.71 10.86 -8.16
N SER A 181 12.37 9.78 -7.47
CA SER A 181 12.48 9.75 -6.01
C SER A 181 13.82 9.23 -5.49
N ARG A 182 14.56 8.42 -6.26
CA ARG A 182 15.73 7.74 -5.73
C ARG A 182 17.04 8.21 -6.35
N GLU A 183 17.01 9.22 -7.21
CA GLU A 183 18.22 9.81 -7.76
C GLU A 183 17.90 11.23 -8.19
N THR A 184 18.94 12.02 -8.40
CA THR A 184 18.79 13.41 -8.86
C THR A 184 19.22 13.50 -10.32
N VAL A 185 18.29 13.83 -11.22
CA VAL A 185 18.60 13.91 -12.64
C VAL A 185 18.08 15.24 -13.20
N GLU A 186 18.84 15.85 -14.09
CA GLU A 186 18.38 17.10 -14.68
C GLU A 186 17.10 16.86 -15.47
N GLY A 187 16.20 17.86 -15.39
CA GLY A 187 14.90 17.77 -16.01
C GLY A 187 13.81 17.25 -15.11
N SER A 188 14.15 16.61 -13.98
CA SER A 188 13.16 16.05 -13.08
C SER A 188 13.28 16.67 -11.68
N LEU A 189 12.17 16.68 -10.97
CA LEU A 189 12.17 17.02 -9.56
C LEU A 189 12.54 15.77 -8.76
N THR A 190 13.19 15.97 -7.63
CA THR A 190 13.62 14.87 -6.78
C THR A 190 12.72 14.80 -5.56
N GLY A 191 12.12 13.65 -5.33
CA GLY A 191 11.48 13.35 -4.07
C GLY A 191 10.14 12.69 -4.31
N ARG A 192 9.28 12.86 -3.32
CA ARG A 192 7.92 12.33 -3.34
C ARG A 192 6.93 13.46 -3.48
N VAL A 193 5.80 13.18 -4.11
CA VAL A 193 4.87 14.24 -4.47
C VAL A 193 4.37 15.01 -3.24
N PRO A 194 3.98 14.40 -2.13
CA PRO A 194 3.52 15.23 -0.99
C PRO A 194 4.59 16.19 -0.49
N PHE A 195 5.85 15.76 -0.48
CA PHE A 195 6.93 16.65 -0.06
C PHE A 195 7.11 17.80 -1.05
N LEU A 196 7.02 17.50 -2.34
CA LEU A 196 7.14 18.53 -3.37
C LEU A 196 5.98 19.52 -3.34
N ILE A 197 4.78 19.04 -2.98
CA ILE A 197 3.65 19.94 -2.79
C ILE A 197 3.89 20.83 -1.58
N GLU A 198 4.26 20.22 -0.46
CA GLU A 198 4.31 20.97 0.79
C GLU A 198 5.38 22.07 0.75
N THR A 199 6.47 21.85 0.03
CA THR A 199 7.50 22.87 -0.02
C THR A 199 7.24 23.92 -1.09
N GLY A 200 6.24 23.74 -1.95
CA GLY A 200 6.06 24.64 -3.08
C GLY A 200 6.91 24.32 -4.29
N ALA A 201 7.77 23.30 -4.23
CA ALA A 201 8.68 23.03 -5.35
C ALA A 201 7.92 22.61 -6.61
N LEU A 202 6.94 21.72 -6.48
CA LEU A 202 6.18 21.30 -7.65
C LEU A 202 5.49 22.50 -8.29
N GLU A 203 4.78 23.31 -7.49
CA GLU A 203 4.05 24.45 -8.04
C GLU A 203 5.00 25.47 -8.64
N GLU A 204 6.14 25.70 -7.98
CA GLU A 204 7.13 26.62 -8.55
C GLU A 204 7.62 26.12 -9.90
N ALA A 205 7.85 24.82 -10.03
CA ALA A 205 8.39 24.28 -11.28
C ALA A 205 7.37 24.42 -12.40
N VAL A 206 6.11 24.12 -12.11
CA VAL A 206 5.03 24.16 -13.08
C VAL A 206 4.55 25.59 -13.35
N GLY A 207 4.60 26.45 -12.34
CA GLY A 207 4.15 27.82 -12.46
C GLY A 207 2.69 28.05 -12.15
N LEU A 208 2.02 27.07 -11.55
CA LEU A 208 0.62 27.16 -11.18
C LEU A 208 0.41 26.69 -9.74
N PRO A 209 -0.52 27.32 -9.03
CA PRO A 209 -0.83 26.86 -7.67
C PRO A 209 -1.77 25.65 -7.65
N MET A 210 -1.65 24.85 -6.58
CA MET A 210 -2.58 23.77 -6.22
C MET A 210 -3.50 24.17 -5.06
N THR A 211 -4.58 24.86 -5.37
CA THR A 211 -5.42 25.39 -4.30
C THR A 211 -6.87 25.13 -4.63
N THR A 212 -7.72 25.22 -3.60
CA THR A 212 -9.14 24.97 -3.77
C THR A 212 -9.79 25.99 -4.68
N ASP A 213 -9.18 27.18 -4.83
CA ASP A 213 -9.75 28.19 -5.69
C ASP A 213 -9.50 27.91 -7.16
N THR A 214 -8.46 27.15 -7.49
CA THR A 214 -7.99 27.03 -8.87
C THR A 214 -8.00 25.62 -9.42
N SER A 215 -8.00 24.60 -8.59
CA SER A 215 -7.58 23.28 -9.04
C SER A 215 -8.60 22.19 -8.74
N HIS A 216 -8.54 21.15 -9.57
CA HIS A 216 -8.97 19.81 -9.18
C HIS A 216 -7.77 18.90 -9.38
N VAL A 217 -7.61 17.91 -8.49
CA VAL A 217 -6.41 17.07 -8.46
C VAL A 217 -6.84 15.62 -8.66
N MET A 218 -6.28 14.99 -9.68
CA MET A 218 -6.50 13.58 -9.96
C MET A 218 -5.26 12.84 -9.47
N LEU A 219 -5.47 11.70 -8.79
CA LEU A 219 -4.41 10.93 -8.16
C LEU A 219 -4.54 9.49 -8.63
N CYS A 220 -3.46 8.94 -9.18
CA CYS A 220 -3.54 7.62 -9.79
C CYS A 220 -2.31 6.80 -9.41
N GLY A 221 -2.54 5.61 -8.88
CA GLY A 221 -1.45 4.67 -8.73
C GLY A 221 -1.18 4.13 -7.35
N ASN A 222 0.03 4.38 -6.86
CA ASN A 222 0.48 3.81 -5.58
C ASN A 222 -0.48 4.25 -4.49
N PRO A 223 -1.14 3.32 -3.82
CA PRO A 223 -2.18 3.71 -2.85
C PRO A 223 -1.67 4.52 -1.67
N GLN A 224 -0.41 4.32 -1.27
CA GLN A 224 0.13 5.11 -0.17
C GLN A 224 0.33 6.56 -0.61
N MET A 225 0.82 6.74 -1.83
CA MET A 225 0.98 8.09 -2.36
C MET A 225 -0.37 8.79 -2.48
N VAL A 226 -1.39 8.07 -2.97
CA VAL A 226 -2.72 8.65 -3.05
C VAL A 226 -3.20 9.02 -1.66
N ARG A 227 -3.08 8.09 -0.72
CA ARG A 227 -3.48 8.36 0.66
C ARG A 227 -2.72 9.55 1.24
N ASP A 228 -1.39 9.53 1.15
CA ASP A 228 -0.59 10.57 1.80
C ASP A 228 -0.78 11.92 1.13
N THR A 229 -0.94 11.93 -0.20
CA THR A 229 -1.16 13.18 -0.90
C THR A 229 -2.52 13.77 -0.55
N GLN A 230 -3.57 12.94 -0.53
CA GLN A 230 -4.88 13.41 -0.06
C GLN A 230 -4.80 13.94 1.36
N GLN A 231 -4.10 13.23 2.25
CA GLN A 231 -4.00 13.70 3.63
C GLN A 231 -3.33 15.06 3.69
N LEU A 232 -2.21 15.23 3.00
CA LEU A 232 -1.51 16.51 3.01
C LEU A 232 -2.41 17.61 2.49
N LEU A 233 -3.06 17.36 1.35
CA LEU A 233 -3.88 18.39 0.74
C LEU A 233 -5.06 18.75 1.62
N LYS A 234 -5.65 17.76 2.31
CA LYS A 234 -6.70 18.09 3.28
C LYS A 234 -6.16 18.97 4.40
N GLU A 235 -5.04 18.56 5.00
CA GLU A 235 -4.55 19.24 6.19
C GLU A 235 -4.00 20.63 5.88
N THR A 236 -3.33 20.80 4.74
CA THR A 236 -2.65 22.06 4.46
C THR A 236 -3.28 22.90 3.35
N ARG A 237 -4.10 22.31 2.47
CA ARG A 237 -4.78 23.10 1.46
C ARG A 237 -6.30 23.09 1.63
N GLN A 238 -6.79 22.41 2.67
CA GLN A 238 -8.23 22.30 2.97
C GLN A 238 -9.02 21.71 1.80
N MET A 239 -8.43 20.71 1.12
CA MET A 239 -9.15 19.99 0.08
C MET A 239 -9.89 18.78 0.64
N THR A 240 -10.95 18.39 -0.07
CA THR A 240 -11.80 17.27 0.28
C THR A 240 -11.84 16.26 -0.86
N LYS A 241 -12.11 15.02 -0.49
CA LYS A 241 -12.28 13.96 -1.47
C LYS A 241 -13.56 14.16 -2.27
N HIS A 242 -13.48 13.85 -3.56
CA HIS A 242 -14.59 14.06 -4.48
C HIS A 242 -15.46 12.81 -4.58
N LEU A 243 -16.77 13.01 -4.47
CA LEU A 243 -17.75 12.03 -4.89
C LEU A 243 -18.67 12.72 -5.87
N ARG A 244 -19.21 11.97 -6.83
CA ARG A 244 -20.12 12.58 -7.81
C ARG A 244 -21.28 13.29 -7.09
N ARG A 245 -21.83 12.67 -6.06
CA ARG A 245 -22.96 13.23 -5.35
C ARG A 245 -22.55 14.21 -4.26
N ARG A 246 -21.27 14.25 -3.88
N ARG A 246 -21.28 14.24 -3.87
CA ARG A 246 -20.76 15.23 -2.92
CA ARG A 246 -20.76 15.23 -2.92
C ARG A 246 -19.44 15.74 -3.46
C ARG A 246 -19.43 15.74 -3.45
N PRO A 247 -19.48 16.73 -4.34
CA PRO A 247 -18.25 17.14 -5.05
C PRO A 247 -17.17 17.68 -4.13
N GLY A 248 -15.94 17.42 -4.53
CA GLY A 248 -14.77 17.87 -3.82
C GLY A 248 -13.66 18.20 -4.79
N HIS A 249 -12.43 18.20 -4.29
CA HIS A 249 -11.28 18.69 -5.04
C HIS A 249 -10.34 17.58 -5.51
N MET A 250 -10.45 16.37 -4.99
CA MET A 250 -9.52 15.32 -5.39
C MET A 250 -10.21 14.02 -5.78
N THR A 251 -9.80 13.49 -6.93
CA THR A 251 -10.36 12.26 -7.46
C THR A 251 -9.25 11.25 -7.49
N ALA A 252 -9.47 10.07 -6.92
CA ALA A 252 -8.41 9.08 -6.77
C ALA A 252 -8.72 7.79 -7.51
N GLU A 253 -7.68 7.11 -8.00
CA GLU A 253 -7.84 5.74 -8.45
C GLU A 253 -6.63 4.95 -7.95
N HIS A 254 -6.84 4.10 -6.95
CA HIS A 254 -5.79 3.29 -6.37
C HIS A 254 -5.51 2.07 -7.25
N TYR A 255 -4.24 1.72 -7.43
CA TYR A 255 -3.90 0.54 -8.20
C TYR A 255 -3.78 -0.72 -7.35
N TRP A 256 -3.72 -0.59 -6.02
CA TRP A 256 -3.94 -1.76 -5.16
C TRP A 256 -4.38 -1.33 -3.76
N ASP B 11 16.33 11.11 22.11
CA ASP B 11 17.77 10.94 22.21
C ASP B 11 18.20 9.58 21.68
N TRP B 12 19.11 9.59 20.71
CA TRP B 12 19.68 8.35 20.21
C TRP B 12 20.66 7.77 21.21
N VAL B 13 20.70 6.44 21.29
CA VAL B 13 21.71 5.78 22.10
C VAL B 13 22.34 4.69 21.23
N SER B 14 23.52 4.25 21.65
CA SER B 14 24.26 3.24 20.91
C SER B 14 23.83 1.86 21.39
N GLY B 15 23.34 1.04 20.47
CA GLY B 15 22.93 -0.33 20.78
C GLY B 15 23.96 -1.31 20.24
N LYS B 16 24.03 -2.48 20.87
CA LYS B 16 24.90 -3.56 20.41
C LYS B 16 24.05 -4.71 19.90
N VAL B 17 24.28 -5.13 18.66
CA VAL B 17 23.57 -6.29 18.12
C VAL B 17 24.08 -7.54 18.82
N THR B 18 23.15 -8.33 19.37
CA THR B 18 23.54 -9.59 20.00
C THR B 18 23.34 -10.78 19.10
N LYS B 19 22.39 -10.71 18.17
CA LYS B 19 22.03 -11.86 17.35
C LYS B 19 21.14 -11.38 16.21
N VAL B 20 21.38 -11.93 15.02
CA VAL B 20 20.44 -11.86 13.91
C VAL B 20 20.05 -13.29 13.57
N GLU B 21 18.77 -13.62 13.65
CA GLU B 21 18.33 -14.97 13.35
C GLU B 21 17.39 -14.92 12.15
N TYR B 22 17.73 -15.69 11.10
CA TYR B 22 16.88 -15.74 9.92
C TYR B 22 15.86 -16.86 10.04
N TRP B 23 14.60 -16.54 9.76
CA TRP B 23 13.55 -17.54 9.74
C TRP B 23 13.32 -18.08 8.34
N THR B 24 13.41 -17.21 7.34
CA THR B 24 13.32 -17.57 5.94
C THR B 24 14.44 -16.83 5.25
N ASP B 25 14.42 -16.80 3.91
CA ASP B 25 15.43 -15.99 3.23
C ASP B 25 15.19 -14.50 3.42
N ALA B 26 13.97 -14.10 3.76
CA ALA B 26 13.63 -12.68 3.85
C ALA B 26 13.21 -12.23 5.24
N LEU B 27 12.70 -13.12 6.08
CA LEU B 27 12.24 -12.77 7.42
C LEU B 27 13.34 -13.05 8.44
N PHE B 28 13.59 -12.11 9.33
CA PHE B 28 14.61 -12.30 10.35
C PHE B 28 14.21 -11.52 11.59
N SER B 29 14.82 -11.89 12.71
CA SER B 29 14.63 -11.16 13.94
C SER B 29 15.98 -10.61 14.39
N LEU B 30 15.97 -9.36 14.82
CA LEU B 30 17.17 -8.65 15.20
C LEU B 30 17.12 -8.44 16.71
N TYR B 31 18.17 -8.86 17.41
CA TYR B 31 18.23 -8.78 18.87
C TYR B 31 19.31 -7.80 19.29
N VAL B 32 18.98 -6.92 20.23
CA VAL B 32 19.82 -5.77 20.54
C VAL B 32 19.89 -5.61 22.05
N ARG B 33 21.01 -5.06 22.51
CA ARG B 33 21.13 -4.53 23.88
C ARG B 33 21.38 -3.02 23.77
N ALA B 34 20.59 -2.23 24.48
CA ALA B 34 20.74 -0.79 24.36
C ALA B 34 20.10 -0.13 25.57
N PRO B 35 20.63 0.99 26.03
CA PRO B 35 20.07 1.63 27.24
C PRO B 35 18.83 2.46 26.92
N VAL B 36 17.73 1.78 26.55
CA VAL B 36 16.47 2.47 26.26
C VAL B 36 15.71 2.69 27.56
N HIS B 37 14.73 3.56 27.52
CA HIS B 37 13.83 3.77 28.65
C HIS B 37 12.77 2.66 28.69
N PRO B 38 12.10 2.48 29.83
CA PRO B 38 10.96 1.57 29.84
C PRO B 38 9.92 2.00 28.82
N PHE B 39 9.26 1.03 28.20
CA PHE B 39 8.22 1.32 27.23
C PHE B 39 6.97 0.55 27.58
N THR B 40 5.86 0.95 26.96
CA THR B 40 4.60 0.25 27.12
C THR B 40 4.45 -0.79 26.01
N ALA B 41 4.07 -2.01 26.39
CA ALA B 41 3.87 -3.07 25.42
C ALA B 41 2.97 -2.59 24.29
N GLY B 42 3.42 -2.79 23.06
CA GLY B 42 2.74 -2.32 21.87
C GLY B 42 3.41 -1.17 21.19
N GLN B 43 4.36 -0.50 21.88
CA GLN B 43 5.04 0.67 21.35
C GLN B 43 6.21 0.29 20.45
N PHE B 44 6.73 1.29 19.75
CA PHE B 44 7.81 1.11 18.81
C PHE B 44 8.91 2.11 19.15
N THR B 45 10.09 1.83 18.63
CA THR B 45 11.17 2.80 18.70
C THR B 45 11.68 3.02 17.29
N LYS B 46 12.81 3.70 17.12
CA LYS B 46 13.43 3.82 15.82
C LYS B 46 14.82 3.21 15.88
N LEU B 47 15.19 2.50 14.82
CA LEU B 47 16.55 2.00 14.62
C LEU B 47 17.25 2.83 13.56
N GLY B 48 18.55 3.02 13.74
CA GLY B 48 19.30 3.88 12.85
C GLY B 48 20.67 3.34 12.47
N LEU B 49 21.07 3.60 11.23
CA LEU B 49 22.41 3.27 10.78
C LEU B 49 22.94 4.44 9.96
N GLU B 50 24.26 4.53 9.89
CA GLU B 50 24.91 5.51 9.02
C GLU B 50 25.18 4.84 7.68
N ILE B 51 24.55 5.34 6.62
CA ILE B 51 24.70 4.78 5.28
C ILE B 51 25.20 5.88 4.36
N ASP B 52 26.39 5.68 3.80
CA ASP B 52 26.99 6.61 2.84
C ASP B 52 27.04 8.02 3.40
N GLY B 53 27.38 8.13 4.69
CA GLY B 53 27.49 9.42 5.35
C GLY B 53 26.19 10.02 5.85
N GLU B 54 25.06 9.33 5.67
CA GLU B 54 23.75 9.82 6.10
C GLU B 54 23.22 8.94 7.21
N ARG B 55 22.58 9.56 8.20
CA ARG B 55 21.84 8.80 9.19
C ARG B 55 20.47 8.42 8.63
N VAL B 56 20.19 7.12 8.58
CA VAL B 56 18.92 6.59 8.06
C VAL B 56 18.20 5.90 9.21
N GLN B 57 16.92 6.22 9.40
CA GLN B 57 16.17 5.69 10.53
C GLN B 57 14.78 5.24 10.09
N ARG B 58 14.27 4.21 10.76
CA ARG B 58 12.93 3.70 10.52
C ARG B 58 12.34 3.26 11.86
N ALA B 59 11.01 3.21 11.92
CA ALA B 59 10.33 2.72 13.11
C ALA B 59 10.29 1.20 13.12
N TYR B 60 10.45 0.60 14.31
CA TYR B 60 10.29 -0.84 14.47
C TYR B 60 9.59 -1.13 15.80
N SER B 61 8.62 -2.04 15.77
CA SER B 61 7.90 -2.40 16.98
C SER B 61 8.74 -3.33 17.85
N TYR B 62 8.71 -3.11 19.16
CA TYR B 62 9.27 -4.07 20.09
C TYR B 62 8.45 -5.35 20.07
N VAL B 63 9.11 -6.49 19.88
CA VAL B 63 8.49 -7.80 20.03
C VAL B 63 8.52 -8.24 21.49
N ASN B 64 9.59 -7.89 22.18
CA ASN B 64 9.79 -8.35 23.54
C ASN B 64 8.84 -7.64 24.48
N ALA B 65 8.51 -8.30 25.60
CA ALA B 65 7.80 -7.62 26.65
C ALA B 65 8.67 -6.52 27.22
N PRO B 66 8.08 -5.49 27.86
N PRO B 66 8.06 -5.44 27.71
CA PRO B 66 8.90 -4.34 28.28
CA PRO B 66 8.82 -4.44 28.47
C PRO B 66 10.05 -4.67 29.21
C PRO B 66 9.46 -5.07 29.69
N GLY B 67 9.88 -5.61 30.12
N GLY B 67 10.72 -4.71 29.91
CA GLY B 67 10.90 -5.93 31.11
CA GLY B 67 11.52 -5.31 30.94
C GLY B 67 12.04 -6.80 30.62
C GLY B 67 12.41 -6.43 30.46
N ASN B 68 12.09 -7.03 29.30
CA ASN B 68 13.05 -7.96 28.69
C ASN B 68 14.22 -7.15 28.12
N PRO B 69 15.44 -7.27 28.68
CA PRO B 69 16.55 -6.49 28.13
C PRO B 69 16.97 -6.91 26.74
N ASP B 70 16.60 -8.11 26.27
CA ASP B 70 16.92 -8.48 24.90
C ASP B 70 15.87 -7.88 23.99
N LEU B 71 16.14 -6.67 23.52
CA LEU B 71 15.23 -5.99 22.60
C LEU B 71 15.16 -6.76 21.28
N GLU B 72 13.95 -6.99 20.79
CA GLU B 72 13.73 -7.93 19.70
C GLU B 72 12.86 -7.27 18.64
N PHE B 73 13.26 -7.41 17.38
CA PHE B 73 12.53 -6.78 16.27
C PHE B 73 12.34 -7.81 15.17
N TYR B 74 11.13 -7.88 14.65
CA TYR B 74 10.78 -8.87 13.64
C TYR B 74 10.70 -8.13 12.32
N LEU B 75 11.61 -8.46 11.41
CA LEU B 75 11.80 -7.68 10.20
C LEU B 75 11.71 -8.53 8.95
N VAL B 76 11.40 -7.86 7.86
CA VAL B 76 11.43 -8.47 6.55
C VAL B 76 12.37 -7.64 5.70
N THR B 77 13.18 -8.30 4.88
CA THR B 77 14.09 -7.60 4.00
C THR B 77 13.31 -7.09 2.80
N VAL B 78 13.26 -5.77 2.63
CA VAL B 78 12.66 -5.15 1.45
C VAL B 78 13.76 -5.01 0.40
N PRO B 79 13.71 -5.76 -0.69
CA PRO B 79 14.90 -5.86 -1.56
C PRO B 79 15.50 -4.52 -1.99
N GLU B 80 14.66 -3.59 -2.45
CA GLU B 80 15.11 -2.29 -2.90
C GLU B 80 15.01 -1.21 -1.81
N GLY B 81 14.89 -1.62 -0.54
CA GLY B 81 14.77 -0.66 0.54
C GLY B 81 16.11 -0.09 0.97
N LYS B 82 16.03 1.01 1.71
CA LYS B 82 17.25 1.70 2.12
C LYS B 82 17.83 1.09 3.39
N LEU B 83 17.04 0.96 4.44
CA LEU B 83 17.56 0.52 5.73
C LEU B 83 17.43 -0.97 5.99
N SER B 84 16.30 -1.59 5.60
CA SER B 84 16.08 -2.97 6.01
C SER B 84 17.13 -3.94 5.48
N PRO B 85 17.62 -3.85 4.23
CA PRO B 85 18.72 -4.75 3.82
C PRO B 85 20.00 -4.55 4.60
N ARG B 86 20.22 -3.35 5.15
CA ARG B 86 21.41 -3.11 5.96
C ARG B 86 21.26 -3.67 7.37
N LEU B 87 20.07 -3.50 7.98
CA LEU B 87 19.80 -4.20 9.23
C LEU B 87 19.94 -5.70 9.04
N ALA B 88 19.51 -6.21 7.88
CA ALA B 88 19.56 -7.63 7.61
C ALA B 88 21.00 -8.16 7.56
N SER B 89 21.99 -7.31 7.32
CA SER B 89 23.38 -7.74 7.27
C SER B 89 24.14 -7.53 8.58
N LEU B 90 23.48 -7.01 9.60
CA LEU B 90 24.12 -6.82 10.89
C LEU B 90 24.50 -8.17 11.49
N LYS B 91 25.58 -8.17 12.27
CA LYS B 91 26.11 -9.37 12.88
C LYS B 91 26.32 -9.08 14.36
N PRO B 92 26.42 -10.12 15.20
CA PRO B 92 26.72 -9.91 16.63
C PRO B 92 27.91 -8.96 16.79
N GLY B 93 27.74 -7.97 17.65
CA GLY B 93 28.79 -7.02 17.94
C GLY B 93 28.67 -5.71 17.21
N ASP B 94 27.87 -5.65 16.14
CA ASP B 94 27.72 -4.44 15.36
C ASP B 94 26.93 -3.41 16.14
N GLU B 95 27.19 -2.14 15.87
CA GLU B 95 26.44 -1.05 16.48
C GLU B 95 25.21 -0.72 15.66
N VAL B 96 24.10 -0.48 16.35
CA VAL B 96 22.89 0.03 15.74
C VAL B 96 22.37 1.12 16.67
N LEU B 97 21.96 2.25 16.10
CA LEU B 97 21.42 3.32 16.91
C LEU B 97 19.98 3.02 17.25
N VAL B 98 19.57 3.39 18.47
CA VAL B 98 18.23 3.13 19.00
C VAL B 98 17.75 4.40 19.72
N VAL B 99 16.53 4.83 19.41
CA VAL B 99 15.94 5.94 20.14
C VAL B 99 15.54 5.45 21.53
N SER B 100 15.93 6.19 22.57
CA SER B 100 15.76 5.67 23.93
C SER B 100 14.31 5.75 24.42
N GLU B 101 13.53 6.69 23.88
CA GLU B 101 12.14 6.88 24.27
C GLU B 101 11.23 6.26 23.22
N ALA B 102 10.41 5.30 23.65
CA ALA B 102 9.48 4.67 22.73
C ALA B 102 8.33 5.61 22.39
N ALA B 103 7.62 5.28 21.30
CA ALA B 103 6.49 6.06 20.88
C ALA B 103 5.34 5.11 20.51
N GLY B 104 4.15 5.67 20.39
CA GLY B 104 3.03 4.91 19.88
C GLY B 104 1.85 4.81 20.82
N PHE B 105 0.66 4.63 20.25
CA PHE B 105 -0.58 4.50 21.02
C PHE B 105 -1.28 3.16 20.82
N PHE B 106 -0.59 2.21 20.19
CA PHE B 106 -1.10 0.86 19.92
C PHE B 106 -0.87 -0.04 21.13
N VAL B 107 -1.48 0.39 22.25
CA VAL B 107 -1.21 -0.16 23.56
C VAL B 107 -2.54 -0.44 24.23
N LEU B 108 -2.51 -1.34 25.22
CA LEU B 108 -3.74 -1.80 25.85
C LEU B 108 -4.50 -0.66 26.54
N GLU B 109 -3.79 0.27 27.17
CA GLU B 109 -4.48 1.32 27.92
C GLU B 109 -5.36 2.19 27.02
N GLU B 110 -5.12 2.20 25.70
CA GLU B 110 -5.96 2.98 24.79
C GLU B 110 -7.15 2.20 24.23
N VAL B 111 -7.26 0.92 24.57
CA VAL B 111 -8.28 0.04 23.98
C VAL B 111 -9.56 0.12 24.79
N PRO B 112 -10.71 0.40 24.18
CA PRO B 112 -11.97 0.42 24.93
C PRO B 112 -12.33 -0.95 25.48
N ASP B 113 -13.15 -0.94 26.52
CA ASP B 113 -13.68 -2.20 27.06
C ASP B 113 -14.45 -2.94 25.98
N CYS B 114 -14.37 -4.27 26.02
CA CYS B 114 -15.05 -5.10 25.03
C CYS B 114 -15.01 -6.54 25.51
N ASP B 115 -15.96 -7.32 25.04
CA ASP B 115 -15.94 -8.73 25.38
C ASP B 115 -14.75 -9.43 24.72
N THR B 116 -14.48 -9.12 23.46
CA THR B 116 -13.41 -9.78 22.71
C THR B 116 -12.50 -8.75 22.09
N LEU B 117 -11.20 -8.83 22.39
CA LEU B 117 -10.17 -8.03 21.72
C LEU B 117 -9.58 -8.85 20.59
N TRP B 118 -9.83 -8.42 19.35
CA TRP B 118 -9.22 -9.02 18.17
C TRP B 118 -7.91 -8.30 17.88
N MET B 119 -6.84 -9.07 17.67
CA MET B 119 -5.58 -8.51 17.22
C MET B 119 -5.19 -9.12 15.88
N LEU B 120 -5.33 -8.32 14.82
CA LEU B 120 -5.05 -8.77 13.46
C LEU B 120 -3.73 -8.17 13.02
N ALA B 121 -2.84 -9.02 12.49
CA ALA B 121 -1.55 -8.54 12.01
C ALA B 121 -1.18 -9.26 10.72
N THR B 122 -0.55 -8.54 9.80
CA THR B 122 0.03 -9.15 8.62
C THR B 122 1.55 -9.21 8.78
N GLY B 123 2.15 -10.30 8.29
CA GLY B 123 3.60 -10.34 8.09
C GLY B 123 4.36 -10.02 9.36
N THR B 124 5.30 -9.08 9.26
CA THR B 124 6.14 -8.77 10.41
C THR B 124 5.49 -7.80 11.36
N ALA B 125 4.19 -7.56 11.25
CA ALA B 125 3.52 -6.62 12.13
C ALA B 125 3.00 -7.27 13.39
N LEU B 126 3.37 -8.52 13.64
CA LEU B 126 2.91 -9.26 14.80
C LEU B 126 3.47 -8.72 16.10
N GLY B 127 4.59 -8.01 16.04
CA GLY B 127 5.35 -7.67 17.22
C GLY B 127 4.61 -6.97 18.36
N PRO B 128 3.84 -5.93 18.08
CA PRO B 128 3.13 -5.25 19.18
C PRO B 128 2.26 -6.21 19.98
N TYR B 129 1.57 -7.12 19.31
CA TYR B 129 0.72 -8.06 20.02
C TYR B 129 1.55 -9.02 20.87
N LEU B 130 2.67 -9.49 20.32
CA LEU B 130 3.54 -10.39 21.07
C LEU B 130 4.08 -9.72 22.33
N SER B 131 4.45 -8.43 22.22
CA SER B 131 4.91 -7.74 23.43
C SER B 131 3.79 -7.64 24.46
N ILE B 132 2.58 -7.31 24.01
CA ILE B 132 1.42 -7.24 24.90
C ILE B 132 1.14 -8.61 25.53
N LEU B 133 1.14 -9.67 24.70
CA LEU B 133 0.70 -10.96 25.21
C LEU B 133 1.77 -11.62 26.08
N GLN B 134 3.05 -11.37 25.78
CA GLN B 134 4.15 -11.86 26.62
C GLN B 134 4.19 -11.11 27.95
N GLU B 135 3.88 -9.82 27.94
CA GLU B 135 3.79 -9.10 29.22
C GLU B 135 2.70 -9.71 30.09
N GLY B 136 1.52 -9.96 29.51
CA GLY B 136 0.49 -10.72 30.19
C GLY B 136 -0.31 -9.97 31.21
N LYS B 137 -0.14 -8.65 31.29
CA LYS B 137 -0.78 -7.84 32.30
C LYS B 137 -1.92 -7.02 31.73
N ASP B 138 -2.89 -6.70 32.59
CA ASP B 138 -3.97 -5.77 32.25
C ASP B 138 -4.89 -6.31 31.17
N LEU B 139 -4.99 -7.62 31.02
CA LEU B 139 -5.94 -8.22 30.08
C LEU B 139 -7.16 -8.79 30.79
N GLU B 140 -7.27 -8.62 32.10
CA GLU B 140 -8.37 -9.19 32.86
C GLU B 140 -9.72 -8.67 32.39
N ARG B 141 -9.78 -7.38 32.01
CA ARG B 141 -11.09 -6.81 31.65
C ARG B 141 -11.61 -7.32 30.32
N PHE B 142 -10.81 -8.04 29.54
CA PHE B 142 -11.30 -8.68 28.32
C PHE B 142 -11.65 -10.13 28.62
N ASN B 143 -12.83 -10.58 28.17
CA ASN B 143 -13.14 -12.00 28.35
C ASN B 143 -12.39 -12.88 27.35
N ASN B 144 -12.27 -12.43 26.10
CA ASN B 144 -11.67 -13.23 25.06
C ASN B 144 -10.57 -12.41 24.38
N LEU B 145 -9.51 -13.10 23.97
CA LEU B 145 -8.46 -12.53 23.15
C LEU B 145 -8.28 -13.38 21.91
N VAL B 146 -8.16 -12.74 20.75
CA VAL B 146 -7.95 -13.47 19.51
C VAL B 146 -6.73 -12.88 18.80
N LEU B 147 -5.79 -13.74 18.43
CA LEU B 147 -4.60 -13.31 17.70
C LEU B 147 -4.63 -13.96 16.32
N VAL B 148 -4.61 -13.13 15.28
CA VAL B 148 -4.66 -13.61 13.89
C VAL B 148 -3.38 -13.12 13.20
N HIS B 149 -2.61 -14.05 12.65
CA HIS B 149 -1.40 -13.73 11.90
C HIS B 149 -1.62 -14.13 10.45
N ALA B 150 -1.60 -13.16 9.55
CA ALA B 150 -1.84 -13.37 8.12
C ALA B 150 -0.53 -13.20 7.35
N VAL B 151 -0.11 -14.26 6.65
CA VAL B 151 1.12 -14.30 5.86
C VAL B 151 0.83 -14.89 4.49
N ARG B 152 1.79 -14.73 3.58
CA ARG B 152 1.68 -15.33 2.24
C ARG B 152 1.80 -16.85 2.29
N TYR B 153 2.76 -17.37 3.05
CA TYR B 153 3.05 -18.80 3.07
C TYR B 153 3.21 -19.30 4.50
N ALA B 154 2.88 -20.58 4.70
CA ALA B 154 3.00 -21.20 6.01
C ALA B 154 4.41 -21.07 6.56
N ALA B 155 5.41 -21.11 5.69
CA ALA B 155 6.79 -20.96 6.12
C ALA B 155 7.07 -19.58 6.69
N ASP B 156 6.17 -18.61 6.50
CA ASP B 156 6.35 -17.25 7.01
C ASP B 156 5.80 -17.06 8.43
N LEU B 157 5.25 -18.11 9.05
CA LEU B 157 4.69 -18.01 10.40
C LEU B 157 5.82 -18.18 11.43
N SER B 158 6.72 -17.18 11.43
CA SER B 158 7.99 -17.30 12.15
C SER B 158 7.80 -17.43 13.66
N TYR B 159 6.71 -16.91 14.21
CA TYR B 159 6.53 -16.93 15.67
C TYR B 159 5.43 -17.91 16.09
N LEU B 160 5.09 -18.87 15.24
CA LEU B 160 4.06 -19.84 15.61
C LEU B 160 4.40 -20.61 16.90
N PRO B 161 5.65 -21.00 17.17
CA PRO B 161 5.93 -21.66 18.46
C PRO B 161 5.60 -20.80 19.68
N LEU B 162 5.99 -19.52 19.68
CA LEU B 162 5.65 -18.63 20.78
C LEU B 162 4.13 -18.45 20.88
N MET B 163 3.47 -18.40 19.72
CA MET B 163 2.04 -18.20 19.63
C MET B 163 1.30 -19.37 20.27
N ARG B 164 1.81 -20.60 20.05
CA ARG B 164 1.23 -21.78 20.68
C ARG B 164 1.55 -21.86 22.17
N GLU B 165 2.75 -21.44 22.58
CA GLU B 165 3.08 -21.38 24.00
C GLU B 165 2.17 -20.37 24.70
N LEU B 166 1.99 -19.20 24.11
CA LEU B 166 1.07 -18.19 24.66
C LEU B 166 -0.36 -18.75 24.75
N GLU B 167 -0.83 -19.41 23.68
CA GLU B 167 -2.15 -20.03 23.73
C GLU B 167 -2.26 -20.99 24.91
N GLN B 168 -1.21 -21.78 25.16
CA GLN B 168 -1.22 -22.68 26.31
C GLN B 168 -1.33 -21.90 27.61
N ARG B 169 -0.53 -20.85 27.76
CA ARG B 169 -0.44 -20.16 29.04
C ARG B 169 -1.72 -19.41 29.39
N TYR B 170 -2.44 -18.91 28.38
CA TYR B 170 -3.69 -18.19 28.64
C TYR B 170 -4.88 -19.11 28.87
N ALA B 171 -4.66 -20.42 28.73
CA ALA B 171 -5.56 -21.46 29.24
C ALA B 171 -6.98 -21.31 28.71
N GLY B 172 -7.10 -20.92 27.43
CA GLY B 172 -8.38 -20.82 26.76
C GLY B 172 -8.88 -19.40 26.55
N LYS B 173 -8.31 -18.43 27.26
CA LYS B 173 -8.69 -17.05 27.03
C LYS B 173 -8.22 -16.55 25.68
N LEU B 174 -7.03 -16.95 25.27
CA LEU B 174 -6.43 -16.53 23.99
C LEU B 174 -6.71 -17.59 22.94
N ARG B 175 -7.27 -17.17 21.80
CA ARG B 175 -7.46 -18.03 20.65
C ARG B 175 -6.55 -17.55 19.54
N ILE B 176 -5.80 -18.47 18.93
CA ILE B 176 -4.90 -18.07 17.86
C ILE B 176 -5.43 -18.64 16.55
N GLN B 177 -5.21 -17.90 15.48
CA GLN B 177 -5.67 -18.31 14.16
C GLN B 177 -4.64 -17.85 13.15
N THR B 178 -4.15 -18.77 12.32
CA THR B 178 -3.24 -18.39 11.27
C THR B 178 -3.96 -18.35 9.93
N VAL B 179 -3.49 -17.44 9.08
CA VAL B 179 -4.09 -17.17 7.78
C VAL B 179 -2.95 -17.19 6.75
N VAL B 180 -3.09 -18.02 5.72
CA VAL B 180 -2.07 -18.15 4.68
C VAL B 180 -2.74 -17.89 3.34
N SER B 181 -2.26 -16.88 2.61
CA SER B 181 -3.02 -16.39 1.46
C SER B 181 -2.63 -17.03 0.14
N ARG B 182 -1.42 -17.59 0.01
CA ARG B 182 -0.96 -18.05 -1.29
C ARG B 182 -0.78 -19.56 -1.36
N GLU B 183 -1.34 -20.30 -0.41
CA GLU B 183 -1.30 -21.75 -0.42
C GLU B 183 -2.31 -22.24 0.60
N THR B 184 -2.67 -23.52 0.51
CA THR B 184 -3.62 -24.13 1.42
C THR B 184 -2.85 -25.06 2.35
N VAL B 185 -3.00 -24.86 3.65
CA VAL B 185 -2.27 -25.68 4.62
C VAL B 185 -3.21 -26.07 5.75
N GLU B 186 -3.12 -27.33 6.18
CA GLU B 186 -3.93 -27.80 7.29
C GLU B 186 -3.70 -26.95 8.53
N GLY B 187 -4.78 -26.52 9.16
CA GLY B 187 -4.69 -25.70 10.35
C GLY B 187 -4.76 -24.21 10.12
N SER B 188 -4.67 -23.74 8.88
CA SER B 188 -4.76 -22.32 8.59
C SER B 188 -5.95 -22.05 7.67
N LEU B 189 -6.53 -20.87 7.80
CA LEU B 189 -7.48 -20.36 6.84
C LEU B 189 -6.74 -19.84 5.61
N THR B 190 -7.40 -19.93 4.46
CA THR B 190 -6.81 -19.50 3.19
C THR B 190 -7.54 -18.26 2.71
N GLY B 191 -6.79 -17.19 2.46
CA GLY B 191 -7.31 -16.01 1.84
C GLY B 191 -6.80 -14.77 2.52
N ARG B 192 -7.45 -13.66 2.23
CA ARG B 192 -7.19 -12.40 2.91
C ARG B 192 -8.24 -12.17 4.00
N VAL B 193 -7.84 -11.40 5.01
CA VAL B 193 -8.71 -11.19 6.17
C VAL B 193 -10.08 -10.60 5.81
N PRO B 194 -10.19 -9.57 4.95
CA PRO B 194 -11.54 -9.06 4.62
C PRO B 194 -12.47 -10.14 4.08
N PHE B 195 -12.01 -10.91 3.09
CA PHE B 195 -12.80 -12.02 2.57
C PHE B 195 -13.21 -12.97 3.69
N LEU B 196 -12.27 -13.29 4.59
CA LEU B 196 -12.54 -14.28 5.63
C LEU B 196 -13.53 -13.76 6.67
N ILE B 197 -13.52 -12.46 6.94
CA ILE B 197 -14.54 -11.87 7.82
C ILE B 197 -15.90 -11.91 7.15
N GLU B 198 -15.95 -11.42 5.90
CA GLU B 198 -17.21 -11.24 5.21
C GLU B 198 -17.94 -12.57 5.01
N THR B 199 -17.20 -13.66 4.79
CA THR B 199 -17.85 -14.95 4.56
C THR B 199 -18.18 -15.69 5.84
N GLY B 200 -17.76 -15.17 7.00
CA GLY B 200 -17.94 -15.85 8.26
C GLY B 200 -16.88 -16.87 8.59
N ALA B 201 -15.90 -17.06 7.70
CA ALA B 201 -14.91 -18.11 7.89
C ALA B 201 -14.05 -17.85 9.12
N LEU B 202 -13.58 -16.62 9.30
CA LEU B 202 -12.72 -16.32 10.44
C LEU B 202 -13.46 -16.52 11.76
N GLU B 203 -14.71 -16.02 11.85
CA GLU B 203 -15.46 -16.13 13.09
C GLU B 203 -15.86 -17.57 13.36
N GLU B 204 -16.16 -18.34 12.31
CA GLU B 204 -16.44 -19.76 12.50
C GLU B 204 -15.22 -20.49 13.04
N ALA B 205 -14.04 -20.20 12.48
CA ALA B 205 -12.83 -20.90 12.91
C ALA B 205 -12.47 -20.54 14.34
N VAL B 206 -12.62 -19.27 14.72
CA VAL B 206 -12.25 -18.82 16.05
C VAL B 206 -13.34 -19.12 17.07
N GLY B 207 -14.60 -19.17 16.63
CA GLY B 207 -15.67 -19.45 17.53
C GLY B 207 -16.29 -18.23 18.18
N LEU B 208 -15.95 -17.04 17.72
CA LEU B 208 -16.42 -15.79 18.31
C LEU B 208 -16.83 -14.81 17.21
N PRO B 209 -17.85 -13.99 17.46
CA PRO B 209 -18.28 -12.99 16.47
C PRO B 209 -17.46 -11.73 16.57
N MET B 210 -17.39 -10.97 15.47
CA MET B 210 -16.65 -9.71 15.55
C MET B 210 -17.66 -8.64 15.14
N THR B 211 -18.29 -8.04 16.15
CA THR B 211 -19.43 -7.14 15.98
C THR B 211 -19.28 -6.01 16.98
N THR B 212 -20.04 -4.94 16.73
CA THR B 212 -19.96 -3.76 17.60
C THR B 212 -20.39 -4.08 19.01
N ASP B 213 -21.23 -5.10 19.19
CA ASP B 213 -21.70 -5.41 20.53
C ASP B 213 -20.67 -6.15 21.35
N THR B 214 -19.72 -6.82 20.70
CA THR B 214 -18.81 -7.74 21.37
C THR B 214 -17.35 -7.36 21.29
N SER B 215 -16.93 -6.59 20.29
CA SER B 215 -15.51 -6.60 19.92
C SER B 215 -14.90 -5.21 19.80
N HIS B 216 -13.59 -5.17 20.01
CA HIS B 216 -12.73 -4.12 19.51
C HIS B 216 -11.70 -4.81 18.63
N VAL B 217 -11.32 -4.17 17.53
CA VAL B 217 -10.46 -4.78 16.53
C VAL B 217 -9.21 -3.91 16.42
N MET B 218 -8.06 -4.48 16.73
CA MET B 218 -6.81 -3.83 16.37
C MET B 218 -6.25 -4.45 15.10
N LEU B 219 -5.68 -3.57 14.26
CA LEU B 219 -5.20 -3.90 12.93
C LEU B 219 -3.80 -3.32 12.77
N CYS B 220 -2.82 -4.17 12.47
CA CYS B 220 -1.42 -3.77 12.42
C CYS B 220 -0.77 -4.31 11.15
N GLY B 221 -0.06 -3.44 10.41
CA GLY B 221 0.80 -3.95 9.34
C GLY B 221 0.54 -3.40 7.95
N ASN B 222 0.25 -4.30 7.03
CA ASN B 222 0.10 -3.91 5.63
C ASN B 222 -0.97 -2.82 5.52
N PRO B 223 -0.63 -1.64 5.00
CA PRO B 223 -1.62 -0.54 5.02
C PRO B 223 -2.84 -0.79 4.14
N GLN B 224 -2.70 -1.60 3.08
CA GLN B 224 -3.85 -1.88 2.24
C GLN B 224 -4.79 -2.89 2.92
N MET B 225 -4.22 -3.84 3.66
CA MET B 225 -5.01 -4.71 4.53
C MET B 225 -5.74 -3.91 5.60
N VAL B 226 -5.06 -2.95 6.23
CA VAL B 226 -5.71 -2.14 7.27
C VAL B 226 -6.86 -1.35 6.67
N ARG B 227 -6.59 -0.68 5.55
CA ARG B 227 -7.61 0.09 4.84
C ARG B 227 -8.81 -0.78 4.47
N ASP B 228 -8.54 -1.89 3.79
CA ASP B 228 -9.62 -2.73 3.28
C ASP B 228 -10.41 -3.38 4.41
N THR B 229 -9.73 -3.80 5.48
CA THR B 229 -10.47 -4.39 6.60
C THR B 229 -11.35 -3.37 7.29
N GLN B 230 -10.85 -2.14 7.49
CA GLN B 230 -11.68 -1.10 8.07
C GLN B 230 -12.85 -0.75 7.18
N GLN B 231 -12.62 -0.65 5.87
CA GLN B 231 -13.73 -0.39 4.95
C GLN B 231 -14.80 -1.47 5.08
N LEU B 232 -14.38 -2.74 5.06
CA LEU B 232 -15.37 -3.81 5.11
C LEU B 232 -16.12 -3.81 6.43
N LEU B 233 -15.40 -3.65 7.55
CA LEU B 233 -16.04 -3.60 8.85
C LEU B 233 -17.00 -2.44 8.95
N LYS B 234 -16.63 -1.29 8.38
CA LYS B 234 -17.54 -0.15 8.38
C LYS B 234 -18.80 -0.45 7.57
N GLU B 235 -18.64 -0.96 6.35
CA GLU B 235 -19.80 -1.14 5.47
C GLU B 235 -20.72 -2.26 5.94
N THR B 236 -20.16 -3.36 6.47
CA THR B 236 -20.95 -4.54 6.76
C THR B 236 -21.18 -4.78 8.25
N ARG B 237 -20.33 -4.24 9.12
CA ARG B 237 -20.50 -4.41 10.56
C ARG B 237 -20.79 -3.10 11.29
N GLN B 238 -20.92 -1.98 10.56
CA GLN B 238 -21.25 -0.67 11.17
C GLN B 238 -20.21 -0.25 12.22
N MET B 239 -18.96 -0.53 11.95
CA MET B 239 -17.87 -0.27 12.87
C MET B 239 -17.24 1.06 12.49
N THR B 240 -16.70 1.78 13.47
CA THR B 240 -16.06 3.06 13.21
C THR B 240 -14.61 3.06 13.66
N LYS B 241 -13.82 3.94 13.04
CA LYS B 241 -12.42 4.08 13.38
C LYS B 241 -12.29 4.74 14.75
N HIS B 242 -11.37 4.23 15.58
CA HIS B 242 -11.24 4.70 16.94
C HIS B 242 -10.25 5.85 17.07
N LEU B 243 -10.64 6.89 17.80
CA LEU B 243 -9.73 7.91 18.28
C LEU B 243 -9.92 8.03 19.79
N ARG B 244 -8.85 8.42 20.50
CA ARG B 244 -8.98 8.57 21.94
C ARG B 244 -10.07 9.58 22.28
N ARG B 245 -10.13 10.68 21.54
CA ARG B 245 -11.12 11.74 21.77
C ARG B 245 -12.48 11.44 21.14
N ARG B 246 -12.57 10.38 20.35
CA ARG B 246 -13.78 10.02 19.61
C ARG B 246 -13.79 8.50 19.48
N PRO B 247 -14.19 7.79 20.53
CA PRO B 247 -13.96 6.34 20.56
C PRO B 247 -14.73 5.59 19.48
N GLY B 248 -14.11 4.52 19.01
CA GLY B 248 -14.67 3.66 17.97
C GLY B 248 -14.30 2.21 18.20
N HIS B 249 -14.47 1.38 17.17
CA HIS B 249 -14.32 -0.06 17.32
C HIS B 249 -13.02 -0.62 16.77
N MET B 250 -12.24 0.21 16.08
CA MET B 250 -11.14 -0.17 15.18
C MET B 250 -9.92 0.69 15.47
N THR B 251 -8.84 0.07 15.96
CA THR B 251 -7.58 0.76 16.23
C THR B 251 -6.55 0.23 15.26
N ALA B 252 -5.85 1.13 14.56
CA ALA B 252 -4.97 0.72 13.48
C ALA B 252 -3.57 1.31 13.62
N GLU B 253 -2.57 0.53 13.19
CA GLU B 253 -1.20 1.01 13.01
C GLU B 253 -0.68 0.53 11.66
N HIS B 254 -0.45 1.46 10.73
CA HIS B 254 0.06 1.15 9.40
C HIS B 254 1.58 1.09 9.43
N TYR B 255 2.15 0.06 8.77
CA TYR B 255 3.61 -0.04 8.73
C TYR B 255 4.23 0.75 7.56
N TRP B 256 3.46 1.10 6.54
CA TRP B 256 3.95 2.09 5.58
C TRP B 256 2.78 2.84 4.93
#